data_8U5R
#
_entry.id   8U5R
#
_cell.length_a   36.929
_cell.length_b   180.748
_cell.length_c   106.248
_cell.angle_alpha   90.000
_cell.angle_beta   90.000
_cell.angle_gamma   90.000
#
_symmetry.space_group_name_H-M   'C 2 2 21'
#
loop_
_entity.id
_entity.type
_entity.pdbx_description
1 polymer 'Mango II variant'
2 non-polymer 'POTASSIUM ION'
3 non-polymer 'SODIUM ION'
4 water water
#
_entity_poly.entity_id   1
_entity_poly.type   'polyribonucleotide'
_entity_poly.pdbx_seq_one_letter_code
;GCGUACGAAGGUGAGGAGAGGCGAGGAAGAGUACGC
;
_entity_poly.pdbx_strand_id   A,B,C
#